data_4IVC
#
_entry.id   4IVC
#
_cell.length_a   42.329
_cell.length_b   172.868
_cell.length_c   44.124
_cell.angle_alpha   90.00
_cell.angle_beta   94.75
_cell.angle_gamma   90.00
#
_symmetry.space_group_name_H-M   'P 1 21 1'
#
loop_
_entity.id
_entity.type
_entity.pdbx_description
1 polymer 'Tyrosine-protein kinase JAK1'
2 non-polymer (trans-4-{2-[(1R)-1-hydroxyethyl]imidazo[4,5-d]pyrrolo[2,3-b]pyridin-1(6H)-yl}cyclohexyl)acetonitrile
3 water water
#
_entity_poly.entity_id   1
_entity_poly.type   'polypeptide(L)'
_entity_poly.pdbx_seq_one_letter_code
;GDIVSEKKPATEVDPTHFEKRFLKRIRDLGEGHFGKVELCRYDPEGDNTGEQVAVKSLKPESGGNHIADLKKEIEILRNL
YHENIVKYKGICTEDGGNGIKLIMEFLPSGSLKEYLPKNKNKINLKQQLKYAVQICKGMDYLGSRQYVHRDLAARNVLVE
SEHQVKIGDFGLTKAIETDKE(PTR)(PTR)TVKDDRDSPVFWYAPECLMQSKFYIASDVWSFGVTLHELLTYCDSDSSP
MALFLKMIGPTHGQMTVTRLVNTLKEGKRLPCPPNCPDEVYQLMRKCWEFQPSNRTSFQNLIEGFEALLK
;
_entity_poly.pdbx_strand_id   A,B
#
# COMPACT_ATOMS: atom_id res chain seq x y z
N GLY A 1 56.36 -33.62 -29.78
CA GLY A 1 55.99 -34.27 -31.08
C GLY A 1 54.62 -33.86 -31.59
N ASP A 2 53.60 -34.64 -31.24
CA ASP A 2 52.23 -34.41 -31.74
C ASP A 2 51.47 -33.38 -30.89
N ILE A 3 50.49 -32.75 -31.54
CA ILE A 3 49.60 -31.82 -30.87
C ILE A 3 48.96 -32.58 -29.72
N VAL A 4 49.09 -32.02 -28.52
CA VAL A 4 48.54 -32.66 -27.34
C VAL A 4 47.16 -32.10 -27.03
N SER A 5 46.16 -32.97 -27.12
CA SER A 5 44.82 -32.66 -26.64
C SER A 5 44.57 -33.42 -25.34
N GLU A 6 43.47 -33.08 -24.68
CA GLU A 6 43.06 -33.77 -23.48
C GLU A 6 42.27 -35.01 -23.89
N LYS A 7 42.47 -36.12 -23.16
CA LYS A 7 41.69 -37.35 -23.34
C LYS A 7 40.27 -37.04 -22.90
N LYS A 8 39.35 -37.15 -23.85
CA LYS A 8 37.93 -37.00 -23.55
C LYS A 8 37.43 -38.07 -22.57
N PRO A 9 36.97 -37.65 -21.38
CA PRO A 9 36.36 -38.60 -20.44
C PRO A 9 34.93 -38.94 -20.87
N ALA A 10 34.57 -40.23 -20.79
CA ALA A 10 33.27 -40.71 -21.25
C ALA A 10 32.10 -39.87 -20.71
N THR A 11 31.39 -39.18 -21.62
CA THR A 11 30.33 -38.24 -21.25
C THR A 11 28.98 -38.92 -21.06
N GLU A 12 28.46 -38.86 -19.84
CA GLU A 12 27.12 -39.37 -19.56
C GLU A 12 26.10 -38.36 -20.02
N VAL A 13 24.82 -38.74 -19.96
CA VAL A 13 23.73 -37.79 -20.17
C VAL A 13 22.98 -37.64 -18.86
N ASP A 14 23.03 -36.43 -18.30
CA ASP A 14 22.23 -36.07 -17.14
C ASP A 14 20.79 -35.87 -17.64
N PRO A 15 19.86 -36.71 -17.20
CA PRO A 15 18.47 -36.53 -17.65
C PRO A 15 17.75 -35.30 -17.06
N THR A 16 18.41 -34.57 -16.16
CA THR A 16 17.85 -33.36 -15.60
C THR A 16 18.49 -32.14 -16.22
N HIS A 17 19.31 -32.34 -17.25
CA HIS A 17 19.94 -31.23 -17.95
C HIS A 17 19.29 -31.07 -19.29
N PHE A 18 18.72 -29.88 -19.50
CA PHE A 18 18.07 -29.56 -20.76
C PHE A 18 18.92 -28.55 -21.49
N GLU A 19 19.34 -28.94 -22.68
CA GLU A 19 20.14 -28.06 -23.51
C GLU A 19 19.25 -26.98 -24.12
N LYS A 20 19.67 -25.74 -23.97
CA LYS A 20 18.89 -24.61 -24.43
C LYS A 20 18.53 -24.73 -25.89
N ARG A 21 19.46 -25.20 -26.72
CA ARG A 21 19.22 -25.31 -28.16
C ARG A 21 18.06 -26.23 -28.55
N PHE A 22 17.64 -27.09 -27.64
CA PHE A 22 16.55 -28.01 -27.91
C PHE A 22 15.23 -27.62 -27.24
N LEU A 23 15.26 -26.61 -26.38
CA LEU A 23 14.08 -26.14 -25.65
C LEU A 23 13.33 -25.11 -26.51
N LYS A 24 12.28 -25.55 -27.18
CA LYS A 24 11.52 -24.69 -28.09
C LYS A 24 10.25 -24.16 -27.45
N ARG A 25 10.18 -22.84 -27.38
CA ARG A 25 9.05 -22.16 -26.79
C ARG A 25 7.76 -22.34 -27.60
N ILE A 26 6.72 -22.80 -26.93
CA ILE A 26 5.39 -22.91 -27.54
C ILE A 26 4.55 -21.68 -27.22
N ARG A 27 4.54 -21.27 -25.95
CA ARG A 27 3.70 -20.15 -25.49
C ARG A 27 3.90 -19.86 -23.98
N ASP A 28 3.37 -18.72 -23.55
CA ASP A 28 3.35 -18.34 -22.14
C ASP A 28 2.29 -19.08 -21.35
N LEU A 29 2.62 -19.42 -20.12
CA LEU A 29 1.72 -20.06 -19.17
C LEU A 29 1.32 -19.11 -18.01
N GLY A 30 2.24 -18.26 -17.59
CA GLY A 30 1.96 -17.31 -16.53
C GLY A 30 3.24 -16.69 -15.98
N GLU A 31 3.08 -15.79 -15.00
CA GLU A 31 4.20 -15.08 -14.41
C GLU A 31 4.01 -14.80 -12.91
N GLY A 32 5.12 -14.42 -12.27
CA GLY A 32 5.12 -13.75 -10.97
C GLY A 32 5.61 -12.34 -11.23
N HIS A 33 6.24 -11.70 -10.25
CA HIS A 33 6.81 -10.36 -10.48
C HIS A 33 8.10 -10.43 -11.22
N PHE A 34 8.98 -11.36 -10.82
CA PHE A 34 10.30 -11.53 -11.41
C PHE A 34 10.45 -12.81 -12.23
N GLY A 35 9.53 -13.74 -12.03
CA GLY A 35 9.55 -15.00 -12.76
C GLY A 35 8.44 -15.11 -13.77
N LYS A 36 8.67 -15.94 -14.79
CA LYS A 36 7.65 -16.27 -15.78
C LYS A 36 7.82 -17.73 -16.19
N VAL A 37 6.72 -18.33 -16.63
CA VAL A 37 6.74 -19.72 -17.02
C VAL A 37 6.17 -19.85 -18.41
N GLU A 38 6.87 -20.62 -19.24
CA GLU A 38 6.48 -20.83 -20.62
C GLU A 38 6.29 -22.30 -20.87
N LEU A 39 5.43 -22.63 -21.82
CA LEU A 39 5.33 -23.99 -22.30
C LEU A 39 6.38 -24.14 -23.38
N CYS A 40 7.09 -25.27 -23.37
CA CYS A 40 8.09 -25.55 -24.37
C CYS A 40 8.07 -27.02 -24.68
N ARG A 41 8.60 -27.36 -25.84
CA ARG A 41 8.81 -28.73 -26.19
C ARG A 41 10.31 -28.90 -26.19
N TYR A 42 10.78 -29.84 -25.39
CA TYR A 42 12.16 -30.22 -25.43
C TYR A 42 12.29 -31.22 -26.57
N ASP A 43 12.80 -30.74 -27.71
CA ASP A 43 12.65 -31.47 -28.95
C ASP A 43 13.99 -31.76 -29.59
N PRO A 44 14.86 -32.52 -28.90
CA PRO A 44 16.20 -32.81 -29.40
C PRO A 44 16.23 -33.57 -30.74
N GLU A 45 15.15 -34.26 -31.09
CA GLU A 45 15.06 -34.91 -32.39
C GLU A 45 14.50 -33.97 -33.45
N GLY A 46 13.94 -32.84 -33.02
CA GLY A 46 13.53 -31.78 -33.95
C GLY A 46 12.36 -32.13 -34.85
N ASP A 47 11.50 -33.03 -34.40
CA ASP A 47 10.32 -33.46 -35.19
C ASP A 47 9.02 -33.22 -34.42
N ASN A 48 9.05 -32.33 -33.44
CA ASN A 48 7.89 -31.99 -32.64
C ASN A 48 7.33 -33.19 -31.85
N THR A 49 8.20 -34.13 -31.48
CA THR A 49 7.76 -35.30 -30.68
C THR A 49 8.20 -35.20 -29.22
N GLY A 50 9.11 -34.27 -28.93
CA GLY A 50 9.69 -34.18 -27.60
C GLY A 50 8.65 -33.87 -26.54
N GLU A 51 9.01 -34.11 -25.29
CA GLU A 51 8.05 -33.92 -24.23
C GLU A 51 7.78 -32.44 -24.07
N GLN A 52 6.57 -32.12 -23.65
CA GLN A 52 6.23 -30.76 -23.31
C GLN A 52 6.57 -30.54 -21.86
N VAL A 53 7.22 -29.41 -21.60
CA VAL A 53 7.62 -29.05 -20.25
C VAL A 53 7.27 -27.59 -19.95
N ALA A 54 7.09 -27.28 -18.67
CA ALA A 54 6.95 -25.91 -18.20
C ALA A 54 8.34 -25.38 -17.84
N VAL A 55 8.73 -24.29 -18.47
CA VAL A 55 10.05 -23.69 -18.26
C VAL A 55 9.90 -22.39 -17.50
N LYS A 56 10.50 -22.33 -16.32
CA LYS A 56 10.49 -21.10 -15.53
C LYS A 56 11.80 -20.33 -15.61
N SER A 57 11.71 -19.06 -16.00
CA SER A 57 12.89 -18.23 -16.10
C SER A 57 12.62 -16.87 -15.49
N LEU A 58 13.66 -16.04 -15.43
CA LEU A 58 13.52 -14.69 -14.92
C LEU A 58 13.09 -13.74 -16.03
N LYS A 59 12.20 -12.82 -15.68
CA LYS A 59 11.84 -11.70 -16.54
C LYS A 59 12.96 -10.67 -16.46
N PRO A 60 13.33 -10.07 -17.60
CA PRO A 60 14.34 -9.01 -17.59
C PRO A 60 13.82 -7.71 -16.96
N HIS A 66 18.01 -11.41 -8.64
CA HIS A 66 16.94 -12.40 -8.60
C HIS A 66 17.31 -13.82 -9.00
N ILE A 67 18.35 -13.99 -9.82
CA ILE A 67 18.86 -15.33 -10.16
C ILE A 67 19.02 -16.19 -8.91
N ALA A 68 19.46 -15.61 -7.82
CA ALA A 68 19.69 -16.37 -6.60
C ALA A 68 18.41 -16.90 -5.98
N ASP A 69 17.31 -16.16 -6.12
CA ASP A 69 16.00 -16.59 -5.61
C ASP A 69 15.40 -17.72 -6.46
N LEU A 70 15.65 -17.68 -7.76
CA LEU A 70 15.22 -18.74 -8.63
C LEU A 70 16.07 -20.01 -8.42
N LYS A 71 17.35 -19.85 -8.13
CA LYS A 71 18.18 -21.00 -7.78
C LYS A 71 17.68 -21.65 -6.48
N LYS A 72 17.28 -20.82 -5.52
CA LYS A 72 16.74 -21.29 -4.25
C LYS A 72 15.46 -22.07 -4.48
N GLU A 73 14.52 -21.45 -5.23
CA GLU A 73 13.27 -22.10 -5.65
C GLU A 73 13.54 -23.47 -6.28
N ILE A 74 14.57 -23.54 -7.11
CA ILE A 74 14.93 -24.80 -7.77
C ILE A 74 15.44 -25.86 -6.81
N GLU A 75 16.21 -25.44 -5.81
CA GLU A 75 16.71 -26.35 -4.77
C GLU A 75 15.57 -26.86 -3.93
N ILE A 76 14.61 -25.98 -3.68
CA ILE A 76 13.41 -26.36 -2.97
C ILE A 76 12.67 -27.42 -3.79
N LEU A 77 12.35 -27.12 -5.03
CA LEU A 77 11.51 -28.00 -5.85
C LEU A 77 12.18 -29.34 -6.11
N ARG A 78 13.48 -29.31 -6.32
CA ARG A 78 14.28 -30.50 -6.64
C ARG A 78 14.16 -31.61 -5.61
N ASN A 79 14.02 -31.23 -4.35
CA ASN A 79 14.03 -32.17 -3.24
C ASN A 79 12.67 -32.37 -2.62
N LEU A 80 11.64 -31.82 -3.24
CA LEU A 80 10.27 -32.10 -2.84
C LEU A 80 9.81 -33.30 -3.65
N TYR A 81 9.39 -34.36 -2.94
CA TYR A 81 8.87 -35.59 -3.54
C TYR A 81 7.49 -35.89 -2.96
N HIS A 82 6.44 -35.57 -3.71
CA HIS A 82 5.07 -35.76 -3.24
C HIS A 82 4.14 -35.69 -4.41
N GLU A 83 3.11 -36.54 -4.43
CA GLU A 83 2.19 -36.59 -5.58
C GLU A 83 1.33 -35.34 -5.75
N ASN A 84 1.16 -34.58 -4.67
CA ASN A 84 0.49 -33.28 -4.76
C ASN A 84 1.48 -32.09 -4.88
N ILE A 85 2.66 -32.35 -5.42
CA ILE A 85 3.62 -31.31 -5.74
C ILE A 85 4.11 -31.47 -7.16
N VAL A 86 4.04 -30.39 -7.94
CA VAL A 86 4.48 -30.40 -9.33
C VAL A 86 5.91 -30.94 -9.43
N LYS A 87 6.17 -31.76 -10.44
CA LYS A 87 7.44 -32.47 -10.55
C LYS A 87 8.53 -31.62 -11.15
N TYR A 88 9.68 -31.64 -10.48
CA TYR A 88 10.92 -31.11 -11.00
C TYR A 88 11.42 -32.05 -12.08
N LYS A 89 11.81 -31.50 -13.22
CA LYS A 89 12.37 -32.30 -14.29
C LYS A 89 13.82 -31.93 -14.52
N GLY A 90 14.16 -30.67 -14.34
CA GLY A 90 15.54 -30.29 -14.49
C GLY A 90 15.81 -28.82 -14.52
N ILE A 91 16.93 -28.49 -15.15
CA ILE A 91 17.32 -27.11 -15.36
C ILE A 91 17.95 -26.96 -16.72
N CYS A 92 18.03 -25.72 -17.19
CA CYS A 92 18.74 -25.36 -18.41
C CYS A 92 19.72 -24.23 -18.08
N THR A 93 21.02 -24.48 -18.21
CA THR A 93 22.04 -23.50 -17.80
C THR A 93 22.90 -22.95 -18.94
N GLU A 94 23.38 -21.72 -18.75
CA GLU A 94 24.33 -21.01 -19.67
C GLU A 94 25.08 -21.93 -20.65
N GLY A 99 23.05 -17.73 -15.17
CA GLY A 99 21.82 -17.87 -15.96
C GLY A 99 21.21 -19.27 -15.83
N ILE A 100 19.92 -19.35 -15.55
CA ILE A 100 19.30 -20.66 -15.35
C ILE A 100 17.79 -20.64 -15.53
N LYS A 101 17.27 -21.77 -16.03
CA LYS A 101 15.84 -22.01 -16.17
C LYS A 101 15.46 -23.28 -15.42
N LEU A 102 14.35 -23.22 -14.69
CA LEU A 102 13.79 -24.36 -14.00
C LEU A 102 12.83 -25.10 -14.94
N ILE A 103 13.01 -26.41 -15.09
CA ILE A 103 12.16 -27.19 -15.99
C ILE A 103 11.27 -28.12 -15.17
N MET A 104 9.96 -27.97 -15.34
CA MET A 104 9.00 -28.75 -14.60
C MET A 104 8.08 -29.50 -15.53
N GLU A 105 7.33 -30.45 -14.98
CA GLU A 105 6.31 -31.08 -15.75
C GLU A 105 5.23 -30.07 -16.16
N PHE A 106 4.69 -30.27 -17.35
CA PHE A 106 3.63 -29.43 -17.87
C PHE A 106 2.30 -30.11 -17.60
N LEU A 107 1.38 -29.39 -16.94
CA LEU A 107 0.03 -29.93 -16.72
C LEU A 107 -0.96 -29.17 -17.63
N PRO A 108 -1.41 -29.82 -18.69
CA PRO A 108 -2.25 -29.21 -19.71
C PRO A 108 -3.54 -28.55 -19.22
N SER A 109 -4.13 -29.07 -18.15
CA SER A 109 -5.33 -28.44 -17.59
C SER A 109 -5.03 -27.12 -16.91
N GLY A 110 -3.75 -26.84 -16.68
CA GLY A 110 -3.33 -25.59 -16.10
C GLY A 110 -3.80 -25.50 -14.67
N SER A 111 -3.95 -24.27 -14.17
CA SER A 111 -4.29 -24.10 -12.78
C SER A 111 -5.79 -24.23 -12.56
N LEU A 112 -6.18 -24.18 -11.30
CA LEU A 112 -7.57 -24.14 -10.90
C LEU A 112 -8.32 -22.96 -11.53
N LYS A 113 -7.66 -21.81 -11.66
CA LYS A 113 -8.26 -20.64 -12.30
C LYS A 113 -8.72 -20.94 -13.72
N GLU A 114 -7.98 -21.78 -14.44
CA GLU A 114 -8.30 -22.10 -15.83
C GLU A 114 -9.30 -23.26 -15.88
N TYR A 115 -9.09 -24.23 -15.03
CA TYR A 115 -9.80 -25.50 -15.13
C TYR A 115 -11.19 -25.46 -14.54
N LEU A 116 -11.31 -24.81 -13.40
CA LEU A 116 -12.55 -24.85 -12.65
C LEU A 116 -13.72 -24.22 -13.44
N PRO A 117 -13.51 -23.04 -14.04
CA PRO A 117 -14.61 -22.39 -14.75
C PRO A 117 -15.06 -23.15 -16.00
N LYS A 118 -14.19 -24.03 -16.49
CA LYS A 118 -14.44 -24.77 -17.73
C LYS A 118 -14.95 -26.17 -17.45
N ASN A 119 -15.05 -26.56 -16.19
CA ASN A 119 -15.37 -27.95 -15.83
C ASN A 119 -16.33 -28.08 -14.66
N LYS A 120 -16.95 -26.96 -14.28
CA LYS A 120 -17.97 -26.91 -13.25
C LYS A 120 -18.88 -28.12 -13.29
N ASN A 121 -19.47 -28.38 -14.45
CA ASN A 121 -20.39 -29.51 -14.59
C ASN A 121 -19.79 -30.86 -14.15
N LYS A 122 -18.50 -31.04 -14.33
CA LYS A 122 -17.81 -32.28 -13.96
C LYS A 122 -17.35 -32.32 -12.50
N ILE A 123 -17.35 -31.16 -11.84
CA ILE A 123 -16.71 -31.01 -10.53
C ILE A 123 -17.69 -30.61 -9.44
N ASN A 124 -18.14 -31.61 -8.70
CA ASN A 124 -19.09 -31.44 -7.58
C ASN A 124 -18.40 -31.32 -6.23
N LEU A 125 -19.17 -30.91 -5.22
CA LEU A 125 -18.63 -30.70 -3.90
C LEU A 125 -17.66 -31.81 -3.47
N LYS A 126 -17.96 -33.04 -3.82
CA LYS A 126 -17.13 -34.16 -3.43
C LYS A 126 -15.72 -34.07 -4.03
N GLN A 127 -15.63 -33.68 -5.30
CA GLN A 127 -14.35 -33.62 -5.97
C GLN A 127 -13.53 -32.45 -5.45
N GLN A 128 -14.22 -31.37 -5.16
CA GLN A 128 -13.61 -30.20 -4.56
C GLN A 128 -13.02 -30.51 -3.17
N LEU A 129 -13.71 -31.32 -2.39
CA LEU A 129 -13.20 -31.66 -1.07
C LEU A 129 -11.95 -32.54 -1.20
N LYS A 130 -11.94 -33.37 -2.22
CA LYS A 130 -10.79 -34.21 -2.51
C LYS A 130 -9.61 -33.39 -2.96
N TYR A 131 -9.86 -32.38 -3.77
CA TYR A 131 -8.82 -31.43 -4.13
C TYR A 131 -8.33 -30.78 -2.85
N ALA A 132 -9.26 -30.24 -2.07
CA ALA A 132 -8.91 -29.57 -0.82
C ALA A 132 -8.03 -30.47 0.05
N VAL A 133 -8.44 -31.71 0.22
CA VAL A 133 -7.62 -32.71 0.93
C VAL A 133 -6.21 -32.76 0.32
N GLN A 134 -6.13 -32.85 -1.01
CA GLN A 134 -4.85 -32.98 -1.71
C GLN A 134 -3.96 -31.74 -1.58
N ILE A 135 -4.59 -30.58 -1.52
CA ILE A 135 -3.87 -29.33 -1.28
C ILE A 135 -3.34 -29.28 0.16
N CYS A 136 -4.06 -29.88 1.10
CA CYS A 136 -3.60 -29.90 2.48
C CYS A 136 -2.44 -30.85 2.65
N LYS A 137 -2.49 -31.98 1.93
CA LYS A 137 -1.43 -32.97 2.01
C LYS A 137 -0.15 -32.44 1.42
N GLY A 138 -0.25 -31.72 0.31
CA GLY A 138 0.92 -31.06 -0.28
C GLY A 138 1.51 -30.04 0.68
N MET A 139 0.64 -29.16 1.20
CA MET A 139 1.06 -28.13 2.15
C MET A 139 1.62 -28.71 3.45
N ASP A 140 1.02 -29.80 3.92
CA ASP A 140 1.45 -30.39 5.16
C ASP A 140 2.86 -30.90 4.97
N TYR A 141 3.07 -31.59 3.86
CA TYR A 141 4.39 -32.09 3.47
C TYR A 141 5.40 -30.94 3.42
N LEU A 142 5.05 -29.88 2.70
CA LEU A 142 5.87 -28.68 2.66
C LEU A 142 6.18 -28.18 4.06
N GLY A 143 5.16 -28.12 4.92
CA GLY A 143 5.32 -27.72 6.32
C GLY A 143 6.25 -28.59 7.13
N SER A 144 6.26 -29.89 6.83
CA SER A 144 7.16 -30.81 7.49
C SER A 144 8.62 -30.66 7.02
N ARG A 145 8.80 -30.12 5.81
CA ARG A 145 10.12 -29.79 5.32
C ARG A 145 10.58 -28.46 5.89
N GLN A 146 9.78 -27.90 6.78
CA GLN A 146 10.04 -26.61 7.42
C GLN A 146 10.01 -25.44 6.42
N TYR A 147 9.10 -25.51 5.45
CA TYR A 147 8.88 -24.42 4.50
C TYR A 147 7.55 -23.75 4.73
N VAL A 148 7.51 -22.44 4.50
CA VAL A 148 6.27 -21.68 4.38
C VAL A 148 6.17 -21.29 2.91
N HIS A 149 4.96 -21.30 2.36
CA HIS A 149 4.76 -21.16 0.91
C HIS A 149 4.56 -19.73 0.51
N ARG A 150 3.76 -19.00 1.31
CA ARG A 150 3.54 -17.55 1.13
C ARG A 150 2.77 -17.12 -0.14
N ASP A 151 2.35 -18.06 -0.97
CA ASP A 151 1.64 -17.73 -2.22
C ASP A 151 0.54 -18.74 -2.57
N LEU A 152 -0.06 -19.34 -1.56
CA LEU A 152 -1.08 -20.35 -1.78
C LEU A 152 -2.35 -19.67 -2.30
N ALA A 153 -2.63 -19.88 -3.58
CA ALA A 153 -3.79 -19.34 -4.23
C ALA A 153 -4.13 -20.27 -5.40
N ALA A 154 -5.35 -20.18 -5.92
CA ALA A 154 -5.83 -21.15 -6.90
C ALA A 154 -4.98 -21.14 -8.15
N ARG A 155 -4.50 -19.96 -8.53
CA ARG A 155 -3.59 -19.85 -9.65
C ARG A 155 -2.30 -20.66 -9.52
N ASN A 156 -1.95 -21.05 -8.31
CA ASN A 156 -0.78 -21.90 -8.09
C ASN A 156 -1.10 -23.36 -7.79
N VAL A 157 -2.37 -23.76 -7.96
CA VAL A 157 -2.77 -25.16 -7.76
C VAL A 157 -3.07 -25.75 -9.12
N LEU A 158 -2.17 -26.62 -9.58
CA LEU A 158 -2.23 -27.17 -10.93
C LEU A 158 -3.13 -28.38 -10.97
N VAL A 159 -3.84 -28.55 -12.08
CA VAL A 159 -4.72 -29.69 -12.25
C VAL A 159 -4.04 -30.75 -13.07
N GLU A 160 -3.71 -31.85 -12.40
CA GLU A 160 -3.05 -32.99 -13.02
C GLU A 160 -4.08 -33.80 -13.78
N SER A 161 -5.22 -34.00 -13.12
CA SER A 161 -6.38 -34.66 -13.72
C SER A 161 -7.61 -34.27 -12.95
N GLU A 162 -8.76 -34.69 -13.47
CA GLU A 162 -10.04 -34.58 -12.79
C GLU A 162 -9.99 -35.09 -11.34
N HIS A 163 -9.01 -35.95 -11.04
CA HIS A 163 -8.89 -36.55 -9.71
C HIS A 163 -7.67 -36.13 -8.94
N GLN A 164 -6.86 -35.23 -9.50
CA GLN A 164 -5.59 -34.86 -8.85
C GLN A 164 -5.12 -33.44 -9.14
N VAL A 165 -4.81 -32.71 -8.07
CA VAL A 165 -4.15 -31.43 -8.16
C VAL A 165 -2.77 -31.50 -7.54
N LYS A 166 -1.92 -30.56 -7.90
CA LYS A 166 -0.57 -30.44 -7.37
C LYS A 166 -0.27 -28.96 -7.17
N ILE A 167 0.48 -28.66 -6.12
CA ILE A 167 0.95 -27.30 -5.90
C ILE A 167 2.03 -27.07 -6.93
N GLY A 168 1.84 -26.04 -7.74
CA GLY A 168 2.58 -25.89 -8.98
C GLY A 168 3.52 -24.71 -9.05
N ASP A 169 3.74 -24.04 -7.93
CA ASP A 169 4.73 -22.97 -7.92
C ASP A 169 5.26 -22.66 -6.54
N PHE A 170 6.53 -22.30 -6.46
CA PHE A 170 7.22 -22.05 -5.21
C PHE A 170 8.13 -20.81 -5.26
N GLY A 171 7.68 -19.78 -5.98
CA GLY A 171 8.46 -18.55 -6.14
C GLY A 171 8.71 -17.77 -4.86
N LEU A 172 7.77 -17.86 -3.91
CA LEU A 172 7.88 -17.14 -2.67
C LEU A 172 8.18 -18.03 -1.46
N THR A 173 8.45 -19.32 -1.70
CA THR A 173 8.61 -20.29 -0.62
C THR A 173 9.91 -20.03 0.14
N LYS A 174 9.87 -20.21 1.45
CA LYS A 174 10.98 -19.89 2.32
C LYS A 174 11.07 -20.90 3.44
N ALA A 175 12.29 -21.33 3.74
CA ALA A 175 12.55 -22.19 4.89
C ALA A 175 12.41 -21.40 6.20
N ILE A 176 11.84 -22.02 7.21
CA ILE A 176 11.85 -21.50 8.56
C ILE A 176 12.99 -22.19 9.31
N GLU A 177 13.85 -21.39 9.93
CA GLU A 177 14.95 -21.92 10.74
C GLU A 177 14.45 -22.99 11.75
N THR A 178 15.27 -23.99 12.03
CA THR A 178 15.01 -24.92 13.13
C THR A 178 14.90 -24.12 14.43
N ASP A 179 13.98 -24.51 15.30
CA ASP A 179 13.78 -23.83 16.58
C ASP A 179 13.38 -22.36 16.39
N LYS A 180 12.46 -22.16 15.44
CA LYS A 180 11.90 -20.84 15.10
C LYS A 180 10.54 -21.10 14.48
N GLU A 181 9.58 -20.22 14.74
CA GLU A 181 8.19 -20.45 14.31
C GLU A 181 7.84 -19.72 13.03
N THR A 184 10.57 -13.86 8.71
CA THR A 184 10.35 -12.43 8.53
C THR A 184 10.69 -12.00 7.10
N VAL A 185 9.71 -11.51 6.36
CA VAL A 185 9.92 -11.09 4.97
C VAL A 185 10.28 -9.63 4.86
N LYS A 186 11.19 -9.32 3.93
CA LYS A 186 11.62 -7.96 3.68
C LYS A 186 10.89 -7.40 2.49
N ASP A 187 11.02 -8.04 1.33
CA ASP A 187 10.35 -7.58 0.11
C ASP A 187 8.89 -8.06 0.13
N ASP A 188 7.97 -7.10 0.26
CA ASP A 188 6.52 -7.36 0.40
C ASP A 188 5.69 -6.52 -0.58
N ARG A 189 6.37 -5.93 -1.56
CA ARG A 189 5.76 -5.02 -2.53
C ARG A 189 4.59 -5.67 -3.26
N ASP A 190 4.80 -6.91 -3.70
CA ASP A 190 3.82 -7.61 -4.53
C ASP A 190 3.20 -8.78 -3.78
N SER A 191 2.81 -8.54 -2.53
CA SER A 191 2.14 -9.55 -1.74
C SER A 191 0.70 -9.76 -2.24
N PRO A 192 0.22 -11.02 -2.23
CA PRO A 192 -1.21 -11.29 -2.42
C PRO A 192 -1.91 -10.99 -1.11
N VAL A 193 -2.10 -9.70 -0.84
CA VAL A 193 -2.67 -9.25 0.43
C VAL A 193 -4.03 -9.88 0.74
N PHE A 194 -4.90 -10.05 -0.26
CA PHE A 194 -6.22 -10.64 0.00
C PHE A 194 -6.19 -12.16 0.28
N TRP A 195 -5.01 -12.75 0.19
CA TRP A 195 -4.76 -14.11 0.63
C TRP A 195 -4.01 -14.20 1.93
N TYR A 196 -3.66 -13.07 2.52
CA TYR A 196 -2.68 -13.05 3.60
C TYR A 196 -3.29 -12.91 4.99
N ALA A 197 -2.71 -13.67 5.92
CA ALA A 197 -3.10 -13.62 7.31
C ALA A 197 -2.73 -12.26 7.93
N PRO A 198 -3.39 -11.88 9.03
CA PRO A 198 -3.14 -10.60 9.71
C PRO A 198 -1.70 -10.42 10.18
N GLU A 199 -1.11 -11.45 10.77
CA GLU A 199 0.28 -11.37 11.21
C GLU A 199 1.24 -11.07 10.06
N CYS A 200 0.86 -11.49 8.85
CA CYS A 200 1.62 -11.21 7.62
C CYS A 200 1.43 -9.78 7.17
N LEU A 201 0.17 -9.34 7.16
CA LEU A 201 -0.16 -7.97 6.75
C LEU A 201 0.30 -6.90 7.75
N MET A 202 0.54 -7.29 9.01
CA MET A 202 0.83 -6.32 10.05
C MET A 202 2.30 -6.31 10.43
N GLN A 203 2.86 -7.48 10.69
CA GLN A 203 4.24 -7.60 11.18
C GLN A 203 5.18 -8.31 10.20
N SER A 204 4.74 -8.54 8.98
CA SER A 204 5.58 -9.21 7.96
C SER A 204 6.13 -10.56 8.44
N LYS A 205 5.45 -11.22 9.38
CA LYS A 205 5.86 -12.52 9.87
C LYS A 205 5.00 -13.59 9.21
N PHE A 206 5.61 -14.75 8.97
CA PHE A 206 4.99 -15.87 8.24
C PHE A 206 5.14 -17.19 8.99
N TYR A 207 4.03 -17.68 9.52
CA TYR A 207 3.96 -18.98 10.16
C TYR A 207 3.42 -20.01 9.18
N ILE A 208 3.57 -21.29 9.52
CA ILE A 208 2.83 -22.34 8.83
C ILE A 208 1.33 -22.02 8.88
N ALA A 209 0.91 -21.45 10.00
CA ALA A 209 -0.46 -21.01 10.24
C ALA A 209 -0.90 -19.96 9.26
N SER A 210 0.03 -19.13 8.80
CA SER A 210 -0.26 -18.15 7.76
C SER A 210 -0.66 -18.82 6.45
N ASP A 211 -0.01 -19.94 6.13
CA ASP A 211 -0.38 -20.77 4.98
C ASP A 211 -1.73 -21.45 5.18
N VAL A 212 -2.09 -21.73 6.43
CA VAL A 212 -3.40 -22.30 6.73
C VAL A 212 -4.46 -21.25 6.43
N TRP A 213 -4.18 -20.01 6.81
CA TRP A 213 -5.06 -18.91 6.47
C TRP A 213 -5.24 -18.83 4.99
N SER A 214 -4.14 -18.74 4.25
CA SER A 214 -4.17 -18.70 2.79
C SER A 214 -4.97 -19.83 2.19
N PHE A 215 -4.85 -21.03 2.76
CA PHE A 215 -5.59 -22.18 2.27
C PHE A 215 -7.09 -21.94 2.37
N GLY A 216 -7.50 -21.25 3.41
CA GLY A 216 -8.88 -20.95 3.59
C GLY A 216 -9.37 -20.12 2.44
N VAL A 217 -8.56 -19.16 2.02
CA VAL A 217 -8.93 -18.28 0.93
C VAL A 217 -8.88 -19.07 -0.36
N THR A 218 -7.85 -19.90 -0.53
CA THR A 218 -7.78 -20.76 -1.71
C THR A 218 -8.96 -21.72 -1.80
N LEU A 219 -9.35 -22.30 -0.66
CA LEU A 219 -10.53 -23.16 -0.58
C LEU A 219 -11.77 -22.40 -1.01
N HIS A 220 -11.86 -21.15 -0.61
CA HIS A 220 -12.98 -20.34 -1.02
C HIS A 220 -13.00 -20.15 -2.51
N GLU A 221 -11.83 -20.00 -3.13
CA GLU A 221 -11.73 -19.89 -4.58
C GLU A 221 -12.22 -21.16 -5.24
N LEU A 222 -11.77 -22.30 -4.72
CA LEU A 222 -12.17 -23.59 -5.24
C LEU A 222 -13.67 -23.72 -5.20
N LEU A 223 -14.28 -23.16 -4.15
CA LEU A 223 -15.70 -23.30 -3.92
C LEU A 223 -16.51 -22.38 -4.81
N THR A 224 -15.93 -21.27 -5.24
CA THR A 224 -16.57 -20.37 -6.19
C THR A 224 -16.08 -20.65 -7.61
N TYR A 225 -15.42 -21.79 -7.79
CA TYR A 225 -14.91 -22.21 -9.10
C TYR A 225 -14.00 -21.15 -9.72
N CYS A 226 -13.29 -20.40 -8.87
CA CYS A 226 -12.39 -19.36 -9.34
C CYS A 226 -13.08 -18.39 -10.27
N ASP A 227 -14.38 -18.19 -10.07
CA ASP A 227 -15.07 -17.15 -10.82
C ASP A 227 -14.45 -15.79 -10.45
N SER A 228 -14.14 -14.98 -11.46
CA SER A 228 -13.45 -13.72 -11.25
C SER A 228 -14.26 -12.74 -10.42
N ASP A 229 -15.57 -12.70 -10.65
CA ASP A 229 -16.45 -11.79 -9.90
C ASP A 229 -16.65 -12.26 -8.46
N SER A 230 -16.17 -13.47 -8.16
CA SER A 230 -16.23 -14.03 -6.82
C SER A 230 -14.86 -14.11 -6.12
N SER A 231 -13.81 -13.59 -6.75
CA SER A 231 -12.48 -13.72 -6.15
C SER A 231 -12.39 -13.01 -4.82
N PRO A 232 -11.52 -13.49 -3.93
CA PRO A 232 -11.26 -12.85 -2.66
C PRO A 232 -10.87 -11.39 -2.80
N MET A 233 -10.21 -11.04 -3.89
CA MET A 233 -9.93 -9.64 -4.15
C MET A 233 -11.22 -8.85 -4.46
N ALA A 234 -12.01 -9.35 -5.40
CA ALA A 234 -13.29 -8.69 -5.71
C ALA A 234 -14.14 -8.54 -4.45
N LEU A 235 -14.31 -9.63 -3.72
CA LEU A 235 -15.21 -9.62 -2.57
C LEU A 235 -14.70 -8.73 -1.47
N PHE A 236 -13.41 -8.80 -1.19
CA PHE A 236 -12.80 -7.91 -0.23
C PHE A 236 -12.88 -6.41 -0.58
N LEU A 237 -12.62 -6.06 -1.83
CA LEU A 237 -12.81 -4.67 -2.30
C LEU A 237 -14.28 -4.22 -2.22
N LYS A 238 -15.18 -5.19 -2.04
CA LYS A 238 -16.60 -4.91 -1.83
C LYS A 238 -16.80 -4.48 -0.39
N MET A 239 -16.31 -5.30 0.53
CA MET A 239 -16.43 -5.04 1.98
C MET A 239 -15.74 -3.76 2.44
N ILE A 240 -14.56 -3.48 1.88
CA ILE A 240 -13.70 -2.39 2.37
C ILE A 240 -13.75 -1.12 1.52
N GLY A 241 -14.09 -1.25 0.24
CA GLY A 241 -14.08 -0.13 -0.69
C GLY A 241 -12.96 -0.32 -1.69
N PRO A 242 -13.25 -0.10 -2.99
CA PRO A 242 -12.27 -0.34 -4.06
C PRO A 242 -11.37 0.86 -4.40
N THR A 243 -11.56 1.99 -3.73
CA THR A 243 -10.87 3.23 -4.11
C THR A 243 -10.08 3.86 -2.95
N HIS A 244 -9.42 3.03 -2.15
CA HIS A 244 -8.58 3.51 -1.04
C HIS A 244 -7.09 3.56 -1.36
N GLY A 245 -6.73 3.24 -2.59
CA GLY A 245 -5.35 3.28 -3.04
C GLY A 245 -4.38 2.61 -2.07
N GLN A 246 -3.51 3.41 -1.48
CA GLN A 246 -2.47 2.92 -0.58
C GLN A 246 -2.97 2.68 0.85
N MET A 247 -4.23 2.97 1.13
CA MET A 247 -4.82 2.65 2.43
C MET A 247 -5.57 1.30 2.40
N THR A 248 -5.54 0.64 1.25
CA THR A 248 -6.26 -0.61 1.07
C THR A 248 -5.89 -1.63 2.15
N VAL A 249 -4.60 -1.89 2.30
CA VAL A 249 -4.11 -2.89 3.25
C VAL A 249 -4.53 -2.58 4.68
N THR A 250 -4.45 -1.31 5.07
CA THR A 250 -4.87 -0.91 6.41
C THR A 250 -6.36 -1.14 6.58
N ARG A 251 -7.13 -0.74 5.58
CA ARG A 251 -8.56 -0.97 5.57
C ARG A 251 -8.87 -2.46 5.65
N LEU A 252 -8.07 -3.27 4.97
CA LEU A 252 -8.14 -4.72 5.04
C LEU A 252 -7.89 -5.23 6.49
N VAL A 253 -6.77 -4.85 7.07
CA VAL A 253 -6.42 -5.28 8.43
C VAL A 253 -7.51 -4.90 9.43
N ASN A 254 -8.07 -3.71 9.27
CA ASN A 254 -9.20 -3.26 10.11
C ASN A 254 -10.38 -4.21 10.03
N THR A 255 -10.94 -4.34 8.83
CA THR A 255 -12.05 -5.25 8.60
C THR A 255 -11.78 -6.60 9.27
N LEU A 256 -10.60 -7.17 9.03
CA LEU A 256 -10.25 -8.49 9.59
C LEU A 256 -10.22 -8.44 11.13
N LYS A 257 -9.66 -7.36 11.69
CA LYS A 257 -9.70 -7.15 13.14
C LYS A 257 -11.15 -7.19 13.67
N GLU A 258 -12.06 -6.55 12.94
CA GLU A 258 -13.49 -6.51 13.33
C GLU A 258 -14.16 -7.88 13.24
N GLY A 259 -13.45 -8.86 12.72
CA GLY A 259 -13.96 -10.22 12.64
C GLY A 259 -14.63 -10.53 11.31
N LYS A 260 -14.65 -9.57 10.39
CA LYS A 260 -15.26 -9.78 9.07
C LYS A 260 -14.37 -10.68 8.22
N ARG A 261 -15.00 -11.66 7.57
CA ARG A 261 -14.31 -12.58 6.66
C ARG A 261 -15.08 -12.69 5.35
N LEU A 262 -14.49 -13.39 4.38
CA LEU A 262 -15.22 -13.67 3.15
C LEU A 262 -16.48 -14.50 3.45
N PRO A 263 -17.59 -14.18 2.76
CA PRO A 263 -18.85 -14.89 2.97
C PRO A 263 -18.81 -16.31 2.39
N CYS A 264 -19.73 -17.13 2.88
CA CYS A 264 -19.88 -18.49 2.41
C CYS A 264 -20.21 -18.50 0.92
N PRO A 265 -19.48 -19.29 0.13
CA PRO A 265 -19.77 -19.46 -1.29
C PRO A 265 -21.15 -20.06 -1.50
N PRO A 266 -21.80 -19.70 -2.60
CA PRO A 266 -23.11 -20.27 -2.89
C PRO A 266 -23.01 -21.79 -2.96
N ASN A 267 -24.01 -22.49 -2.42
CA ASN A 267 -24.03 -23.96 -2.47
C ASN A 267 -22.88 -24.60 -1.69
N CYS A 268 -22.28 -23.86 -0.76
CA CYS A 268 -21.27 -24.41 0.11
C CYS A 268 -21.94 -24.67 1.44
N PRO A 269 -21.99 -25.94 1.88
CA PRO A 269 -22.60 -26.29 3.16
C PRO A 269 -21.90 -25.59 4.30
N ASP A 270 -22.67 -25.16 5.30
CA ASP A 270 -22.06 -24.51 6.47
C ASP A 270 -20.88 -25.32 7.00
N GLU A 271 -21.00 -26.64 7.04
CA GLU A 271 -19.95 -27.48 7.64
C GLU A 271 -18.61 -27.33 6.93
N VAL A 272 -18.65 -27.16 5.61
CA VAL A 272 -17.45 -26.89 4.85
C VAL A 272 -16.97 -25.48 5.17
N TYR A 273 -17.91 -24.54 5.26
CA TYR A 273 -17.60 -23.14 5.57
C TYR A 273 -17.01 -22.96 6.96
N GLN A 274 -17.36 -23.84 7.90
CA GLN A 274 -16.80 -23.78 9.25
C GLN A 274 -15.33 -24.19 9.29
N LEU A 275 -14.93 -25.14 8.43
CA LEU A 275 -13.53 -25.52 8.30
C LEU A 275 -12.72 -24.38 7.70
N MET A 276 -13.33 -23.70 6.76
CA MET A 276 -12.76 -22.51 6.14
C MET A 276 -12.49 -21.43 7.20
N ARG A 277 -13.45 -21.21 8.10
CA ARG A 277 -13.34 -20.14 9.10
C ARG A 277 -12.39 -20.49 10.24
N LYS A 278 -12.22 -21.79 10.52
CA LYS A 278 -11.15 -22.22 11.43
C LYS A 278 -9.77 -21.81 10.90
N CYS A 279 -9.66 -21.70 9.57
CA CYS A 279 -8.45 -21.19 8.93
C CYS A 279 -8.24 -19.71 9.18
N TRP A 280 -9.32 -18.97 9.31
CA TRP A 280 -9.27 -17.53 9.40
C TRP A 280 -9.42 -17.00 10.81
N GLU A 281 -8.95 -17.77 11.77
CA GLU A 281 -8.80 -17.27 13.13
C GLU A 281 -7.74 -16.20 13.09
N PHE A 282 -8.05 -15.04 13.64
CA PHE A 282 -7.15 -13.90 13.62
C PHE A 282 -5.81 -14.21 14.27
N GLN A 283 -5.83 -15.03 15.31
CA GLN A 283 -4.60 -15.43 15.99
C GLN A 283 -4.12 -16.77 15.44
N PRO A 284 -2.85 -16.83 14.97
CA PRO A 284 -2.26 -18.03 14.37
C PRO A 284 -2.34 -19.29 15.20
N SER A 285 -2.25 -19.14 16.51
CA SER A 285 -2.25 -20.26 17.44
C SER A 285 -3.65 -20.84 17.60
N ASN A 286 -4.66 -20.06 17.22
CA ASN A 286 -6.04 -20.51 17.26
C ASN A 286 -6.52 -21.16 15.97
N ARG A 287 -5.69 -21.07 14.91
CA ARG A 287 -6.06 -21.64 13.63
C ARG A 287 -5.94 -23.14 13.64
N THR A 288 -6.73 -23.77 12.79
CA THR A 288 -6.65 -25.19 12.63
C THR A 288 -5.33 -25.48 11.93
N SER A 289 -5.02 -26.76 11.83
CA SER A 289 -3.81 -27.22 11.15
C SER A 289 -4.21 -27.99 9.91
N PHE A 290 -3.29 -28.07 8.97
CA PHE A 290 -3.51 -28.86 7.79
C PHE A 290 -3.97 -30.30 8.07
N GLN A 291 -3.44 -30.94 9.10
CA GLN A 291 -3.86 -32.31 9.44
C GLN A 291 -5.29 -32.38 9.99
N ASN A 292 -5.67 -31.40 10.80
CA ASN A 292 -7.05 -31.31 11.26
C ASN A 292 -8.04 -31.03 10.12
N LEU A 293 -7.62 -30.18 9.16
CA LEU A 293 -8.42 -29.94 7.98
C LEU A 293 -8.60 -31.25 7.20
N ILE A 294 -7.51 -31.99 7.03
CA ILE A 294 -7.58 -33.28 6.34
C ILE A 294 -8.59 -34.20 7.02
N GLU A 295 -8.45 -34.33 8.33
CA GLU A 295 -9.38 -35.12 9.13
C GLU A 295 -10.79 -34.62 8.92
N GLY A 296 -10.97 -33.31 9.01
CA GLY A 296 -12.26 -32.68 8.75
C GLY A 296 -12.85 -33.03 7.40
N PHE A 297 -12.08 -32.81 6.33
CA PHE A 297 -12.56 -33.05 4.97
C PHE A 297 -12.88 -34.52 4.78
N GLU A 298 -11.95 -35.39 5.19
CA GLU A 298 -12.15 -36.84 5.13
C GLU A 298 -13.46 -37.24 5.81
N ALA A 299 -13.74 -36.62 6.96
CA ALA A 299 -14.99 -36.84 7.67
C ALA A 299 -16.20 -36.54 6.78
N LEU A 300 -16.11 -35.46 6.02
CA LEU A 300 -17.20 -35.03 5.17
C LEU A 300 -17.36 -35.89 3.92
N LEU A 301 -16.29 -36.58 3.54
CA LEU A 301 -16.28 -37.46 2.38
C LEU A 301 -16.83 -38.86 2.68
N LYS A 302 -16.75 -39.30 3.93
CA LYS A 302 -17.24 -40.62 4.34
C LYS A 302 -18.77 -40.73 4.25
N VAL B 13 -22.55 47.03 -6.88
CA VAL B 13 -21.66 45.92 -7.34
C VAL B 13 -21.06 45.15 -6.15
N ASP B 14 -21.21 43.84 -6.17
CA ASP B 14 -20.62 42.97 -5.15
C ASP B 14 -19.09 42.96 -5.34
N PRO B 15 -18.35 43.51 -4.36
CA PRO B 15 -16.88 43.44 -4.41
C PRO B 15 -16.29 42.03 -4.26
N THR B 16 -17.12 41.05 -3.89
CA THR B 16 -16.69 39.67 -3.78
C THR B 16 -17.08 38.90 -5.01
N HIS B 17 -17.66 39.60 -5.98
CA HIS B 17 -18.03 38.97 -7.25
C HIS B 17 -17.06 39.31 -8.33
N PHE B 18 -16.41 38.30 -8.88
CA PHE B 18 -15.41 38.51 -9.92
C PHE B 18 -15.93 37.96 -11.24
N GLU B 19 -15.98 38.82 -12.25
CA GLU B 19 -16.55 38.44 -13.54
C GLU B 19 -15.52 37.66 -14.35
N LYS B 20 -15.89 36.45 -14.73
CA LYS B 20 -14.99 35.59 -15.50
C LYS B 20 -14.30 36.35 -16.63
N ARG B 21 -15.00 37.25 -17.29
CA ARG B 21 -14.44 37.93 -18.46
C ARG B 21 -13.22 38.78 -18.15
N PHE B 22 -13.05 39.14 -16.89
CA PHE B 22 -11.94 40.00 -16.47
C PHE B 22 -10.84 39.22 -15.77
N LEU B 23 -11.09 37.93 -15.52
CA LEU B 23 -10.17 37.08 -14.75
C LEU B 23 -9.17 36.43 -15.71
N LYS B 24 -7.99 37.05 -15.79
CA LYS B 24 -6.96 36.61 -16.71
C LYS B 24 -6.02 35.68 -15.98
N ARG B 25 -5.94 34.44 -16.46
CA ARG B 25 -5.00 33.49 -15.93
C ARG B 25 -3.59 33.92 -16.28
N ILE B 26 -2.70 33.87 -15.29
CA ILE B 26 -1.28 34.10 -15.48
C ILE B 26 -0.50 32.79 -15.38
N ARG B 27 -0.65 32.07 -14.26
CA ARG B 27 0.09 30.80 -14.09
C ARG B 27 -0.40 29.97 -12.93
N ASP B 28 0.04 28.73 -12.89
CA ASP B 28 -0.32 27.81 -11.83
C ASP B 28 0.50 28.11 -10.59
N LEU B 29 -0.13 27.98 -9.43
CA LEU B 29 0.54 28.16 -8.14
C LEU B 29 0.75 26.80 -7.50
N GLY B 30 -0.28 25.97 -7.56
CA GLY B 30 -0.17 24.60 -7.11
C GLY B 30 -1.51 23.95 -7.22
N GLU B 31 -1.62 22.73 -6.70
CA GLU B 31 -2.88 22.02 -6.75
C GLU B 31 -2.94 20.89 -5.73
N GLY B 32 -4.16 20.48 -5.40
CA GLY B 32 -4.41 19.20 -4.74
C GLY B 32 -4.77 18.21 -5.83
N HIS B 33 -5.49 17.14 -5.48
CA HIS B 33 -5.84 16.11 -6.44
C HIS B 33 -7.08 16.45 -7.24
N PHE B 34 -8.01 17.20 -6.64
CA PHE B 34 -9.23 17.65 -7.32
C PHE B 34 -9.33 19.16 -7.56
N GLY B 35 -8.48 19.95 -6.91
CA GLY B 35 -8.48 21.40 -7.10
C GLY B 35 -7.12 21.93 -7.53
N LYS B 36 -7.12 23.06 -8.20
CA LYS B 36 -5.88 23.73 -8.60
C LYS B 36 -5.98 25.22 -8.35
N VAL B 37 -4.87 25.82 -7.95
CA VAL B 37 -4.88 27.24 -7.69
C VAL B 37 -3.99 27.89 -8.72
N GLU B 38 -4.46 29.01 -9.25
CA GLU B 38 -3.77 29.73 -10.29
C GLU B 38 -3.60 31.19 -9.90
N LEU B 39 -2.55 31.80 -10.41
CA LEU B 39 -2.39 33.23 -10.27
C LEU B 39 -3.15 33.85 -11.43
N CYS B 40 -4.07 34.75 -11.13
CA CYS B 40 -4.74 35.51 -12.14
C CYS B 40 -4.62 37.00 -11.83
N ARG B 41 -4.89 37.82 -12.83
CA ARG B 41 -5.09 39.23 -12.62
C ARG B 41 -6.57 39.52 -12.87
N TYR B 42 -7.19 40.26 -11.95
CA TYR B 42 -8.54 40.73 -12.16
C TYR B 42 -8.47 42.14 -12.72
N ASP B 43 -8.69 42.27 -14.02
CA ASP B 43 -8.35 43.47 -14.75
C ASP B 43 -9.56 44.02 -15.51
N PRO B 44 -10.60 44.46 -14.77
CA PRO B 44 -11.81 44.99 -15.38
C PRO B 44 -11.54 46.20 -16.29
N GLU B 45 -10.45 46.92 -16.05
CA GLU B 45 -10.10 48.11 -16.84
C GLU B 45 -9.31 47.81 -18.12
N GLY B 46 -8.63 46.66 -18.17
CA GLY B 46 -7.96 46.22 -19.39
C GLY B 46 -6.55 46.74 -19.65
N ASP B 47 -5.96 47.39 -18.64
CA ASP B 47 -4.62 48.01 -18.75
C ASP B 47 -3.56 47.32 -17.90
N ASN B 48 -3.84 46.12 -17.44
CA ASN B 48 -2.88 45.36 -16.66
C ASN B 48 -2.61 46.05 -15.32
N THR B 49 -3.62 46.75 -14.78
CA THR B 49 -3.49 47.44 -13.49
C THR B 49 -4.28 46.80 -12.36
N GLY B 50 -5.17 45.87 -12.71
CA GLY B 50 -5.98 45.17 -11.71
C GLY B 50 -5.17 44.30 -10.76
N GLU B 51 -5.76 43.92 -9.63
CA GLU B 51 -5.03 43.16 -8.64
C GLU B 51 -4.82 41.69 -9.04
N GLN B 52 -3.65 41.16 -8.68
CA GLN B 52 -3.40 39.74 -8.79
C GLN B 52 -4.10 38.96 -7.67
N VAL B 53 -4.65 37.80 -8.01
CA VAL B 53 -5.38 36.98 -7.06
C VAL B 53 -5.09 35.49 -7.24
N ALA B 54 -5.23 34.73 -6.16
CA ALA B 54 -5.12 33.30 -6.22
C ALA B 54 -6.52 32.78 -6.54
N VAL B 55 -6.63 31.93 -7.55
CA VAL B 55 -7.93 31.43 -8.00
C VAL B 55 -7.94 29.90 -7.93
N LYS B 56 -8.77 29.37 -7.05
CA LYS B 56 -8.99 27.93 -6.95
C LYS B 56 -10.19 27.47 -7.74
N SER B 57 -9.96 26.50 -8.61
CA SER B 57 -11.05 25.89 -9.34
C SER B 57 -10.84 24.38 -9.37
N LEU B 58 -11.85 23.66 -9.85
CA LEU B 58 -11.78 22.21 -9.92
C LEU B 58 -10.92 21.76 -11.09
N LYS B 59 -10.27 20.61 -10.94
CA LYS B 59 -9.60 19.98 -12.07
C LYS B 59 -10.59 19.07 -12.80
N PRO B 60 -10.59 19.10 -14.14
CA PRO B 60 -11.42 18.18 -14.92
C PRO B 60 -10.99 16.73 -14.74
N ASN B 65 -17.12 14.55 -10.17
CA ASN B 65 -17.36 15.95 -9.89
C ASN B 65 -17.31 16.30 -8.39
N HIS B 66 -16.57 17.37 -8.07
CA HIS B 66 -16.33 17.77 -6.69
C HIS B 66 -16.78 19.18 -6.40
N ILE B 67 -17.67 19.72 -7.23
CA ILE B 67 -18.14 21.09 -7.09
C ILE B 67 -18.62 21.35 -5.67
N ALA B 68 -19.34 20.39 -5.08
CA ALA B 68 -19.91 20.59 -3.74
C ALA B 68 -18.85 20.65 -2.67
N ASP B 69 -17.73 19.96 -2.88
CA ASP B 69 -16.57 20.06 -1.96
C ASP B 69 -15.97 21.46 -2.01
N LEU B 70 -15.78 21.97 -3.22
CA LEU B 70 -15.24 23.31 -3.40
C LEU B 70 -16.14 24.38 -2.80
N LYS B 71 -17.45 24.24 -2.97
CA LYS B 71 -18.37 25.21 -2.43
C LYS B 71 -18.25 25.24 -0.92
N LYS B 72 -18.07 24.06 -0.32
CA LYS B 72 -17.96 23.93 1.12
C LYS B 72 -16.67 24.60 1.54
N GLU B 73 -15.60 24.27 0.82
CA GLU B 73 -14.32 24.93 1.05
C GLU B 73 -14.43 26.45 1.03
N ILE B 74 -15.24 26.97 0.10
CA ILE B 74 -15.48 28.40 -0.05
C ILE B 74 -16.26 28.98 1.11
N GLU B 75 -17.23 28.22 1.59
CA GLU B 75 -18.04 28.64 2.70
C GLU B 75 -17.26 28.61 4.01
N ILE B 76 -16.35 27.67 4.16
CA ILE B 76 -15.52 27.62 5.34
C ILE B 76 -14.54 28.80 5.38
N LEU B 77 -13.96 29.14 4.24
CA LEU B 77 -12.91 30.13 4.17
C LEU B 77 -13.46 31.55 4.25
N ARG B 78 -14.62 31.75 3.65
CA ARG B 78 -15.34 33.03 3.66
C ARG B 78 -15.59 33.59 5.06
N ASN B 79 -15.79 32.69 6.02
CA ASN B 79 -16.13 33.09 7.39
C ASN B 79 -14.99 32.86 8.38
N LEU B 80 -13.79 32.58 7.87
CA LEU B 80 -12.59 32.58 8.69
C LEU B 80 -11.97 33.98 8.59
N TYR B 81 -11.78 34.63 9.75
CA TYR B 81 -11.18 35.95 9.80
C TYR B 81 -10.06 35.86 10.82
N HIS B 82 -8.83 35.71 10.33
CA HIS B 82 -7.68 35.61 11.20
C HIS B 82 -6.46 36.03 10.45
N GLU B 83 -5.58 36.79 11.09
CA GLU B 83 -4.40 37.33 10.39
C GLU B 83 -3.44 36.23 9.95
N ASN B 84 -3.59 35.02 10.51
CA ASN B 84 -2.82 33.87 10.07
C ASN B 84 -3.59 32.88 9.20
N ILE B 85 -4.67 33.34 8.58
CA ILE B 85 -5.40 32.53 7.64
C ILE B 85 -5.57 33.36 6.38
N VAL B 86 -5.22 32.76 5.24
CA VAL B 86 -5.25 33.48 3.97
C VAL B 86 -6.63 34.07 3.74
N LYS B 87 -6.67 35.24 3.10
CA LYS B 87 -7.91 36.00 2.94
C LYS B 87 -8.75 35.53 1.79
N TYR B 88 -10.00 35.22 2.09
CA TYR B 88 -11.04 35.11 1.09
C TYR B 88 -11.32 36.48 0.48
N LYS B 89 -11.40 36.55 -0.85
CA LYS B 89 -11.72 37.78 -1.56
C LYS B 89 -13.04 37.69 -2.31
N GLY B 90 -13.34 36.53 -2.88
CA GLY B 90 -14.58 36.41 -3.58
C GLY B 90 -14.75 35.10 -4.30
N ILE B 91 -15.80 35.04 -5.11
CA ILE B 91 -16.04 33.89 -5.99
C ILE B 91 -16.23 34.28 -7.44
N CYS B 92 -16.01 33.32 -8.33
CA CYS B 92 -16.30 33.52 -9.74
C CYS B 92 -17.18 32.37 -10.19
N THR B 93 -18.40 32.70 -10.59
CA THR B 93 -19.38 31.69 -10.98
C THR B 93 -19.54 31.62 -12.51
N ASN B 98 -23.57 26.93 -12.71
CA ASN B 98 -23.26 25.94 -11.67
C ASN B 98 -21.77 25.72 -11.34
N GLY B 99 -20.87 26.09 -12.25
CA GLY B 99 -19.43 26.07 -11.99
C GLY B 99 -19.02 27.23 -11.09
N ILE B 100 -17.91 27.08 -10.37
CA ILE B 100 -17.50 28.13 -9.44
C ILE B 100 -16.01 28.10 -9.19
N LYS B 101 -15.44 29.28 -8.93
CA LYS B 101 -14.03 29.45 -8.57
C LYS B 101 -13.92 30.21 -7.28
N LEU B 102 -12.98 29.80 -6.42
CA LEU B 102 -12.67 30.51 -5.18
C LEU B 102 -11.54 31.52 -5.45
N ILE B 103 -11.75 32.77 -5.03
CA ILE B 103 -10.80 33.85 -5.30
C ILE B 103 -10.19 34.28 -3.96
N MET B 104 -8.88 34.16 -3.85
CA MET B 104 -8.21 34.52 -2.60
C MET B 104 -7.16 35.56 -2.87
N GLU B 105 -6.65 36.17 -1.83
CA GLU B 105 -5.46 37.00 -1.97
C GLU B 105 -4.28 36.15 -2.47
N PHE B 106 -3.45 36.78 -3.25
CA PHE B 106 -2.26 36.14 -3.77
C PHE B 106 -1.15 36.59 -2.87
N LEU B 107 -0.42 35.64 -2.28
CA LEU B 107 0.78 35.94 -1.49
C LEU B 107 2.04 35.60 -2.31
N PRO B 108 2.75 36.64 -2.83
CA PRO B 108 3.86 36.48 -3.79
C PRO B 108 5.00 35.62 -3.27
N SER B 109 5.22 35.60 -1.95
CA SER B 109 6.29 34.80 -1.39
C SER B 109 6.00 33.31 -1.46
N GLY B 110 4.75 32.95 -1.72
CA GLY B 110 4.38 31.55 -1.91
C GLY B 110 4.37 30.81 -0.59
N SER B 111 4.61 29.50 -0.64
CA SER B 111 4.57 28.71 0.58
C SER B 111 5.92 28.63 1.26
N LEU B 112 5.92 28.08 2.48
CA LEU B 112 7.16 27.79 3.18
C LEU B 112 8.08 26.92 2.31
N LYS B 113 7.52 26.03 1.51
CA LYS B 113 8.30 25.17 0.64
C LYS B 113 9.06 26.00 -0.41
N GLU B 114 8.44 27.06 -0.91
CA GLU B 114 9.10 27.94 -1.89
C GLU B 114 10.05 28.94 -1.21
N TYR B 115 9.59 29.51 -0.10
CA TYR B 115 10.21 30.64 0.52
C TYR B 115 11.39 30.26 1.40
N LEU B 116 11.27 29.20 2.16
CA LEU B 116 12.30 28.84 3.13
C LEU B 116 13.67 28.56 2.51
N PRO B 117 13.73 27.71 1.48
CA PRO B 117 15.03 27.44 0.88
C PRO B 117 15.75 28.69 0.35
N LYS B 118 14.98 29.67 -0.09
CA LYS B 118 15.49 30.92 -0.67
C LYS B 118 15.85 31.98 0.35
N ASN B 119 15.44 31.81 1.60
CA ASN B 119 15.67 32.82 2.62
C ASN B 119 16.29 32.27 3.90
N LYS B 120 16.92 31.09 3.84
CA LYS B 120 17.54 30.45 5.01
C LYS B 120 18.36 31.45 5.82
N ASN B 121 19.11 32.29 5.14
CA ASN B 121 19.94 33.30 5.81
C ASN B 121 19.13 34.31 6.59
N LYS B 122 18.04 34.78 6.00
CA LYS B 122 17.18 35.81 6.62
C LYS B 122 16.32 35.25 7.77
N ILE B 123 16.07 33.94 7.73
CA ILE B 123 15.16 33.28 8.66
C ILE B 123 15.94 32.45 9.68
N ASN B 124 16.08 32.97 10.90
CA ASN B 124 16.79 32.27 11.96
C ASN B 124 15.81 31.55 12.87
N LEU B 125 16.34 30.85 13.86
CA LEU B 125 15.53 30.03 14.77
C LEU B 125 14.42 30.86 15.39
N LYS B 126 14.75 32.08 15.76
CA LYS B 126 13.77 32.99 16.35
C LYS B 126 12.62 33.22 15.38
N GLN B 127 12.94 33.50 14.11
CA GLN B 127 11.90 33.71 13.14
C GLN B 127 11.07 32.45 12.86
N GLN B 128 11.73 31.30 12.90
CA GLN B 128 11.04 30.04 12.70
C GLN B 128 10.04 29.77 13.82
N LEU B 129 10.39 30.14 15.05
CA LEU B 129 9.46 29.91 16.15
C LEU B 129 8.30 30.87 16.10
N LYS B 130 8.50 32.03 15.50
CA LYS B 130 7.40 32.97 15.34
C LYS B 130 6.44 32.45 14.30
N TYR B 131 6.97 31.86 13.25
CA TYR B 131 6.12 31.20 12.28
C TYR B 131 5.38 30.07 12.93
N ALA B 132 6.10 29.26 13.71
CA ALA B 132 5.46 28.16 14.43
C ALA B 132 4.27 28.67 15.26
N VAL B 133 4.50 29.71 16.05
CA VAL B 133 3.44 30.36 16.85
C VAL B 133 2.26 30.74 15.96
N GLN B 134 2.54 31.48 14.90
CA GLN B 134 1.49 31.95 13.96
C GLN B 134 0.70 30.81 13.34
N ILE B 135 1.37 29.74 12.95
CA ILE B 135 0.67 28.55 12.47
C ILE B 135 -0.26 28.00 13.56
N CYS B 136 0.25 27.85 14.78
CA CYS B 136 -0.57 27.35 15.87
C CYS B 136 -1.75 28.25 16.16
N LYS B 137 -1.59 29.56 15.98
CA LYS B 137 -2.67 30.48 16.25
C LYS B 137 -3.74 30.34 15.20
N GLY B 138 -3.29 30.14 13.97
CA GLY B 138 -4.18 29.91 12.85
C GLY B 138 -4.92 28.60 13.01
N MET B 139 -4.21 27.54 13.37
CA MET B 139 -4.83 26.21 13.59
C MET B 139 -5.76 26.23 14.80
N ASP B 140 -5.32 26.86 15.88
CA ASP B 140 -6.10 26.95 17.07
C ASP B 140 -7.45 27.62 16.79
N TYR B 141 -7.40 28.71 16.05
CA TYR B 141 -8.59 29.41 15.61
C TYR B 141 -9.48 28.47 14.85
N LEU B 142 -8.89 27.70 13.93
CA LEU B 142 -9.61 26.75 13.10
C LEU B 142 -10.30 25.66 13.94
N GLY B 143 -9.57 25.10 14.90
CA GLY B 143 -10.14 24.12 15.84
C GLY B 143 -11.24 24.67 16.73
N SER B 144 -11.21 25.96 16.99
CA SER B 144 -12.27 26.61 17.77
C SER B 144 -13.54 26.76 16.93
N ARG B 145 -13.36 26.97 15.62
CA ARG B 145 -14.49 26.92 14.69
C ARG B 145 -14.98 25.48 14.44
N GLN B 146 -14.35 24.50 15.08
CA GLN B 146 -14.74 23.07 15.01
C GLN B 146 -14.37 22.43 13.67
N TYR B 147 -13.23 22.85 13.12
CA TYR B 147 -12.75 22.29 11.87
C TYR B 147 -11.47 21.49 12.10
N VAL B 148 -11.36 20.34 11.45
CA VAL B 148 -10.08 19.64 11.32
C VAL B 148 -9.60 20.00 9.92
N HIS B 149 -8.30 20.28 9.80
CA HIS B 149 -7.69 20.77 8.57
C HIS B 149 -7.22 19.62 7.70
N ARG B 150 -6.56 18.64 8.30
CA ARG B 150 -6.21 17.35 7.63
C ARG B 150 -5.13 17.41 6.53
N ASP B 151 -4.54 18.57 6.33
CA ASP B 151 -3.57 18.81 5.25
C ASP B 151 -2.50 19.80 5.69
N LEU B 152 -2.19 19.81 6.99
CA LEU B 152 -1.25 20.78 7.51
C LEU B 152 0.16 20.31 7.15
N ALA B 153 0.75 21.02 6.20
CA ALA B 153 2.07 20.72 5.69
C ALA B 153 2.66 22.05 5.26
N ALA B 154 3.99 22.13 5.13
CA ALA B 154 4.64 23.41 4.83
C ALA B 154 4.19 23.99 3.49
N ARG B 155 3.81 23.14 2.55
CA ARG B 155 3.29 23.59 1.28
C ARG B 155 1.94 24.34 1.39
N ASN B 156 1.28 24.24 2.54
CA ASN B 156 0.01 24.92 2.76
C ASN B 156 0.08 26.12 3.68
N VAL B 157 1.29 26.53 4.00
CA VAL B 157 1.51 27.68 4.82
C VAL B 157 2.14 28.75 3.97
N LEU B 158 1.43 29.87 3.80
CA LEU B 158 1.88 30.93 2.91
C LEU B 158 2.67 31.97 3.67
N VAL B 159 3.53 32.70 2.98
CA VAL B 159 4.39 33.69 3.57
C VAL B 159 3.89 35.05 3.14
N GLU B 160 3.27 35.78 4.06
CA GLU B 160 2.76 37.11 3.80
C GLU B 160 3.95 38.06 3.75
N SER B 161 4.94 37.81 4.61
CA SER B 161 6.14 38.63 4.70
C SER B 161 7.11 37.86 5.52
N GLU B 162 8.27 38.44 5.76
CA GLU B 162 9.30 37.82 6.59
C GLU B 162 8.82 37.64 8.03
N HIS B 163 7.81 38.39 8.43
CA HIS B 163 7.34 38.36 9.82
C HIS B 163 6.00 37.69 9.99
N GLN B 164 5.40 37.21 8.89
CA GLN B 164 4.04 36.69 8.93
C GLN B 164 3.76 35.57 7.92
N VAL B 165 3.26 34.45 8.44
CA VAL B 165 2.75 33.37 7.60
C VAL B 165 1.25 33.21 7.78
N LYS B 166 0.64 32.47 6.85
CA LYS B 166 -0.79 32.21 6.89
C LYS B 166 -1.08 30.80 6.41
N ILE B 167 -2.03 30.14 7.07
CA ILE B 167 -2.57 28.89 6.53
C ILE B 167 -3.33 29.21 5.25
N GLY B 168 -2.92 28.58 4.15
CA GLY B 168 -3.30 29.06 2.83
C GLY B 168 -4.09 28.10 1.97
N ASP B 169 -4.48 26.96 2.52
CA ASP B 169 -5.41 26.08 1.81
C ASP B 169 -6.29 25.31 2.75
N PHE B 170 -7.53 25.06 2.34
CA PHE B 170 -8.52 24.40 3.17
C PHE B 170 -9.29 23.32 2.42
N GLY B 171 -8.65 22.71 1.43
CA GLY B 171 -9.29 21.68 0.56
C GLY B 171 -9.81 20.42 1.25
N LEU B 172 -9.15 19.98 2.31
CA LEU B 172 -9.55 18.78 3.03
C LEU B 172 -10.24 19.12 4.36
N THR B 173 -10.41 20.40 4.65
CA THR B 173 -10.95 20.83 5.93
C THR B 173 -12.37 20.38 6.13
N LYS B 174 -12.64 19.85 7.31
CA LYS B 174 -13.90 19.24 7.63
C LYS B 174 -14.36 19.72 8.99
N ALA B 175 -15.67 19.93 9.10
CA ALA B 175 -16.29 20.23 10.38
C ALA B 175 -16.34 18.97 11.27
N ILE B 176 -15.98 19.11 12.54
CA ILE B 176 -16.27 18.07 13.55
C ILE B 176 -17.63 18.39 14.18
N GLU B 177 -18.50 17.37 14.29
CA GLU B 177 -19.82 17.54 14.89
C GLU B 177 -19.73 17.99 16.35
N THR B 178 -20.66 18.86 16.75
CA THR B 178 -20.88 19.21 18.16
C THR B 178 -21.14 17.90 18.92
N ASP B 179 -20.46 17.73 20.05
CA ASP B 179 -20.54 16.51 20.87
C ASP B 179 -19.98 15.27 20.15
N LYS B 180 -19.07 15.51 19.22
CA LYS B 180 -18.19 14.47 18.67
C LYS B 180 -16.77 15.03 18.73
N GLU B 181 -15.80 14.14 18.77
CA GLU B 181 -14.41 14.58 18.91
C GLU B 181 -13.63 14.47 17.61
N THR B 184 -14.83 11.23 10.68
CA THR B 184 -14.49 9.95 10.10
C THR B 184 -14.20 10.13 8.61
N VAL B 185 -13.11 9.52 8.15
CA VAL B 185 -12.63 9.72 6.79
C VAL B 185 -13.14 8.64 5.87
N LYS B 186 -13.75 9.06 4.77
CA LYS B 186 -14.18 8.15 3.72
C LYS B 186 -13.12 8.06 2.63
N ASP B 187 -12.95 9.14 1.86
CA ASP B 187 -11.92 9.18 0.82
C ASP B 187 -10.55 9.46 1.48
N ASP B 188 -9.64 8.50 1.38
CA ASP B 188 -8.28 8.60 1.95
C ASP B 188 -7.18 8.19 0.97
N ARG B 189 -7.57 8.00 -0.28
CA ARG B 189 -6.66 7.57 -1.35
C ARG B 189 -5.48 8.53 -1.50
N ASP B 190 -5.75 9.82 -1.34
CA ASP B 190 -4.76 10.87 -1.57
C ASP B 190 -4.14 11.41 -0.28
N SER B 191 -4.22 10.65 0.79
CA SER B 191 -3.77 11.11 2.10
C SER B 191 -2.25 11.34 2.12
N PRO B 192 -1.82 12.49 2.71
CA PRO B 192 -0.40 12.69 2.96
C PRO B 192 -0.03 11.91 4.20
N VAL B 193 0.24 10.63 4.00
CA VAL B 193 0.37 9.68 5.11
C VAL B 193 1.54 10.03 6.03
N PHE B 194 2.56 10.69 5.50
CA PHE B 194 3.74 10.99 6.31
C PHE B 194 3.53 12.19 7.24
N TRP B 195 2.41 12.88 7.10
CA TRP B 195 2.03 13.97 8.00
C TRP B 195 1.01 13.51 9.00
N TYR B 196 0.60 12.24 8.89
CA TYR B 196 -0.64 11.79 9.51
C TYR B 196 -0.46 11.02 10.80
N ALA B 197 -1.26 11.39 11.80
CA ALA B 197 -1.31 10.69 13.08
C ALA B 197 -1.67 9.19 12.88
N PRO B 198 -1.25 8.32 13.80
CA PRO B 198 -1.58 6.90 13.66
C PRO B 198 -3.09 6.61 13.63
N GLU B 199 -3.86 7.28 14.48
CA GLU B 199 -5.33 7.08 14.47
C GLU B 199 -5.97 7.36 13.13
N CYS B 200 -5.37 8.30 12.38
CA CYS B 200 -5.79 8.65 11.02
C CYS B 200 -5.37 7.60 10.03
N LEU B 201 -4.21 7.00 10.27
CA LEU B 201 -3.66 5.99 9.39
C LEU B 201 -4.29 4.62 9.65
N MET B 202 -4.72 4.37 10.88
CA MET B 202 -5.21 3.04 11.27
C MET B 202 -6.74 2.94 11.20
N GLN B 203 -7.42 3.97 11.69
CA GLN B 203 -8.86 3.92 11.91
C GLN B 203 -9.64 4.91 11.05
N SER B 204 -8.94 5.84 10.41
CA SER B 204 -9.55 6.87 9.59
C SER B 204 -10.35 7.87 10.43
N LYS B 205 -10.03 7.97 11.72
CA LYS B 205 -10.61 8.99 12.58
C LYS B 205 -9.66 10.20 12.56
N PHE B 206 -10.25 11.40 12.62
CA PHE B 206 -9.50 12.65 12.54
C PHE B 206 -9.87 13.64 13.63
N TYR B 207 -8.94 13.83 14.58
CA TYR B 207 -9.13 14.70 15.73
C TYR B 207 -8.39 16.00 15.51
N ILE B 208 -8.76 17.03 16.27
CA ILE B 208 -7.94 18.24 16.34
C ILE B 208 -6.52 17.86 16.70
N ALA B 209 -6.41 16.91 17.63
CA ALA B 209 -5.14 16.33 18.04
C ALA B 209 -4.35 15.73 16.88
N SER B 210 -5.06 15.29 15.84
CA SER B 210 -4.40 14.78 14.63
C SER B 210 -3.77 15.90 13.80
N ASP B 211 -4.35 17.09 13.86
CA ASP B 211 -3.75 18.29 13.27
C ASP B 211 -2.53 18.74 14.06
N VAL B 212 -2.50 18.45 15.36
CA VAL B 212 -1.34 18.77 16.18
C VAL B 212 -0.17 17.87 15.77
N TRP B 213 -0.46 16.60 15.52
CA TRP B 213 0.55 15.68 15.01
C TRP B 213 1.08 16.23 13.74
N SER B 214 0.17 16.59 12.83
CA SER B 214 0.53 17.22 11.56
C SER B 214 1.43 18.44 11.76
N PHE B 215 1.07 19.28 12.73
CA PHE B 215 1.84 20.49 12.99
C PHE B 215 3.28 20.15 13.35
N GLY B 216 3.44 19.13 14.17
CA GLY B 216 4.76 18.68 14.54
C GLY B 216 5.58 18.33 13.32
N VAL B 217 4.96 17.70 12.34
CA VAL B 217 5.69 17.30 11.14
C VAL B 217 6.00 18.53 10.30
N THR B 218 5.07 19.49 10.30
CA THR B 218 5.25 20.75 9.61
C THR B 218 6.33 21.59 10.27
N LEU B 219 6.41 21.53 11.60
CA LEU B 219 7.48 22.21 12.34
C LEU B 219 8.82 21.62 11.96
N HIS B 220 8.83 20.34 11.65
CA HIS B 220 10.04 19.68 11.26
C HIS B 220 10.49 20.19 9.92
N GLU B 221 9.55 20.35 8.98
CA GLU B 221 9.86 20.91 7.66
C GLU B 221 10.45 22.30 7.77
N LEU B 222 9.78 23.13 8.57
CA LEU B 222 10.17 24.51 8.77
C LEU B 222 11.58 24.61 9.34
N LEU B 223 11.88 23.79 10.33
CA LEU B 223 13.22 23.71 10.89
C LEU B 223 14.29 23.26 9.89
N THR B 224 13.92 22.35 8.98
CA THR B 224 14.80 21.92 7.88
C THR B 224 14.65 22.79 6.60
N TYR B 225 14.01 23.94 6.75
CA TYR B 225 13.81 24.88 5.66
C TYR B 225 13.22 24.22 4.43
N CYS B 226 12.38 23.22 4.67
CA CYS B 226 11.67 22.55 3.60
C CYS B 226 12.61 21.99 2.54
N ASP B 227 13.79 21.56 2.97
CA ASP B 227 14.67 20.85 2.05
C ASP B 227 14.03 19.53 1.67
N SER B 228 13.97 19.24 0.38
CA SER B 228 13.39 17.98 -0.11
C SER B 228 14.10 16.74 0.47
N ASP B 229 15.42 16.80 0.62
CA ASP B 229 16.20 15.66 1.14
C ASP B 229 16.05 15.51 2.64
N SER B 230 15.37 16.46 3.27
CA SER B 230 15.03 16.32 4.67
C SER B 230 13.52 16.24 4.90
N SER B 231 12.73 16.17 3.82
CA SER B 231 11.28 16.18 3.98
C SER B 231 10.88 14.91 4.71
N PRO B 232 9.78 14.96 5.47
CA PRO B 232 9.35 13.82 6.25
C PRO B 232 9.16 12.56 5.44
N MET B 233 8.64 12.69 4.22
CA MET B 233 8.53 11.55 3.34
C MET B 233 9.91 10.92 3.12
N ALA B 234 10.85 11.71 2.63
CA ALA B 234 12.20 11.21 2.31
C ALA B 234 12.84 10.51 3.51
N LEU B 235 12.66 11.09 4.69
CA LEU B 235 13.24 10.55 5.91
C LEU B 235 12.51 9.30 6.37
N PHE B 236 11.19 9.32 6.26
CA PHE B 236 10.39 8.16 6.65
C PHE B 236 10.66 6.98 5.71
N LEU B 237 10.75 7.24 4.41
CA LEU B 237 11.09 6.19 3.45
C LEU B 237 12.50 5.63 3.64
N LYS B 238 13.36 6.38 4.33
CA LYS B 238 14.68 5.90 4.73
C LYS B 238 14.52 4.96 5.94
N MET B 239 13.71 5.39 6.91
CA MET B 239 13.47 4.64 8.14
C MET B 239 12.77 3.29 7.93
N ILE B 240 11.99 3.17 6.85
CA ILE B 240 11.14 1.99 6.65
C ILE B 240 11.41 1.19 5.37
N GLY B 241 12.09 1.79 4.40
CA GLY B 241 12.29 1.18 3.08
C GLY B 241 11.40 1.80 2.03
N PRO B 242 12.00 2.36 0.96
CA PRO B 242 11.24 3.04 -0.10
C PRO B 242 10.55 2.14 -1.13
N THR B 243 10.67 0.83 -0.98
CA THR B 243 10.21 -0.11 -2.02
C THR B 243 9.20 -1.14 -1.50
N HIS B 244 8.25 -0.67 -0.70
CA HIS B 244 7.22 -1.55 -0.13
C HIS B 244 5.86 -1.43 -0.78
N GLY B 245 5.70 -0.47 -1.69
CA GLY B 245 4.44 -0.32 -2.43
C GLY B 245 3.24 -0.12 -1.52
N GLN B 246 2.27 -1.03 -1.63
CA GLN B 246 1.03 -0.97 -0.86
C GLN B 246 1.21 -1.29 0.64
N MET B 247 2.38 -1.81 1.01
CA MET B 247 2.64 -2.11 2.42
C MET B 247 3.25 -0.93 3.15
N THR B 248 3.61 0.11 2.41
CA THR B 248 4.29 1.27 2.99
C THR B 248 3.63 1.77 4.28
N VAL B 249 2.33 2.00 4.23
CA VAL B 249 1.61 2.62 5.35
C VAL B 249 1.60 1.72 6.57
N THR B 250 1.46 0.42 6.35
CA THR B 250 1.49 -0.52 7.45
C THR B 250 2.84 -0.45 8.13
N ARG B 251 3.87 -0.42 7.31
CA ARG B 251 5.24 -0.31 7.80
C ARG B 251 5.48 1.04 8.46
N LEU B 252 4.84 2.09 7.94
CA LEU B 252 4.81 3.38 8.65
C LEU B 252 4.15 3.26 10.03
N VAL B 253 2.95 2.69 10.08
CA VAL B 253 2.25 2.44 11.35
C VAL B 253 3.10 1.64 12.34
N ASN B 254 3.79 0.61 11.86
CA ASN B 254 4.70 -0.18 12.72
C ASN B 254 5.84 0.63 13.30
N THR B 255 6.61 1.25 12.42
CA THR B 255 7.63 2.21 12.82
C THR B 255 7.14 3.11 13.96
N LEU B 256 5.97 3.74 13.77
CA LEU B 256 5.39 4.64 14.78
C LEU B 256 4.97 3.92 16.07
N LYS B 257 4.42 2.71 15.92
CA LYS B 257 4.04 1.89 17.08
C LYS B 257 5.27 1.55 17.92
N GLU B 258 6.37 1.23 17.26
CA GLU B 258 7.64 0.92 17.93
C GLU B 258 8.25 2.13 18.63
N GLY B 259 7.62 3.30 18.47
CA GLY B 259 8.03 4.52 19.13
C GLY B 259 8.97 5.35 18.29
N LYS B 260 9.25 4.92 17.05
CA LYS B 260 10.17 5.65 16.17
C LYS B 260 9.55 6.94 15.65
N ARG B 261 10.36 7.99 15.62
CA ARG B 261 9.93 9.32 15.17
C ARG B 261 10.99 9.97 14.32
N LEU B 262 10.59 10.98 13.57
CA LEU B 262 11.53 11.79 12.80
C LEU B 262 12.59 12.38 13.73
N PRO B 263 13.84 12.36 13.29
CA PRO B 263 14.93 12.75 14.16
C PRO B 263 14.89 14.24 14.47
N CYS B 264 15.84 14.69 15.26
CA CYS B 264 16.01 16.12 15.49
C CYS B 264 16.69 16.78 14.29
N PRO B 265 16.10 17.86 13.77
CA PRO B 265 16.75 18.59 12.70
C PRO B 265 18.06 19.18 13.15
N PRO B 266 18.97 19.42 12.20
CA PRO B 266 20.21 20.08 12.54
C PRO B 266 19.93 21.41 13.24
N ASN B 267 20.79 21.75 14.18
CA ASN B 267 20.79 23.06 14.82
C ASN B 267 19.51 23.37 15.57
N CYS B 268 18.69 22.35 15.75
CA CYS B 268 17.44 22.51 16.46
C CYS B 268 17.68 22.16 17.93
N PRO B 269 17.39 23.10 18.83
CA PRO B 269 17.62 22.88 20.26
C PRO B 269 16.74 21.77 20.82
N ASP B 270 17.25 21.02 21.78
CA ASP B 270 16.47 19.93 22.36
C ASP B 270 15.09 20.43 22.83
N GLU B 271 15.08 21.54 23.54
CA GLU B 271 13.84 22.12 24.05
C GLU B 271 12.81 22.45 22.94
N VAL B 272 13.29 22.66 21.70
CA VAL B 272 12.39 22.77 20.55
C VAL B 272 11.94 21.40 20.08
N TYR B 273 12.86 20.44 20.08
CA TYR B 273 12.56 19.04 19.71
C TYR B 273 11.56 18.38 20.64
N GLN B 274 11.62 18.71 21.93
CA GLN B 274 10.69 18.16 22.92
C GLN B 274 9.26 18.58 22.66
N LEU B 275 9.05 19.86 22.37
CA LEU B 275 7.72 20.35 21.99
C LEU B 275 7.26 19.63 20.73
N MET B 276 8.20 19.39 19.82
CA MET B 276 7.95 18.62 18.61
C MET B 276 7.51 17.20 18.97
N ARG B 277 8.23 16.56 19.88
CA ARG B 277 7.93 15.20 20.30
C ARG B 277 6.60 15.05 21.05
N LYS B 278 6.15 16.11 21.72
CA LYS B 278 4.82 16.10 22.34
C LYS B 278 3.71 16.10 21.27
N CYS B 279 4.00 16.64 20.10
CA CYS B 279 3.07 16.56 18.96
C CYS B 279 2.89 15.13 18.46
N TRP B 280 3.88 14.29 18.70
CA TRP B 280 3.87 12.93 18.17
C TRP B 280 3.67 11.84 19.20
N GLU B 281 2.94 12.14 20.27
CA GLU B 281 2.50 11.09 21.21
C GLU B 281 1.61 10.15 20.46
N PHE B 282 1.87 8.85 20.57
CA PHE B 282 1.14 7.87 19.76
C PHE B 282 -0.38 8.02 19.95
N GLN B 283 -0.81 8.20 21.18
CA GLN B 283 -2.23 8.32 21.52
C GLN B 283 -2.70 9.77 21.46
N PRO B 284 -3.78 10.05 20.70
CA PRO B 284 -4.33 11.41 20.56
C PRO B 284 -4.48 12.14 21.88
N SER B 285 -4.96 11.40 22.88
CA SER B 285 -5.29 11.96 24.19
C SER B 285 -4.07 12.42 24.97
N ASN B 286 -2.91 11.82 24.69
CA ASN B 286 -1.64 12.20 25.32
C ASN B 286 -0.86 13.28 24.56
N ARG B 287 -1.41 13.73 23.44
CA ARG B 287 -0.75 14.71 22.60
C ARG B 287 -0.96 16.13 23.14
N THR B 288 0.03 16.99 22.95
CA THR B 288 -0.07 18.38 23.35
C THR B 288 -1.16 19.11 22.56
N SER B 289 -1.50 20.32 22.99
CA SER B 289 -2.48 21.16 22.29
C SER B 289 -1.82 22.35 21.59
N PHE B 290 -2.55 23.01 20.69
CA PHE B 290 -2.01 24.20 20.05
C PHE B 290 -1.72 25.31 21.05
N GLN B 291 -2.58 25.49 22.04
CA GLN B 291 -2.37 26.52 23.06
C GLN B 291 -1.13 26.27 23.92
N ASN B 292 -0.91 25.00 24.26
CA ASN B 292 0.31 24.61 24.95
C ASN B 292 1.58 24.81 24.11
N LEU B 293 1.49 24.52 22.82
CA LEU B 293 2.57 24.82 21.89
C LEU B 293 2.86 26.32 21.82
N ILE B 294 1.83 27.15 21.79
CA ILE B 294 2.03 28.59 21.80
C ILE B 294 2.78 29.05 23.06
N GLU B 295 2.35 28.58 24.22
CA GLU B 295 3.06 28.90 25.47
C GLU B 295 4.51 28.40 25.45
N GLY B 296 4.72 27.17 24.99
CA GLY B 296 6.06 26.60 24.85
C GLY B 296 6.96 27.44 23.94
N PHE B 297 6.45 27.82 22.77
CA PHE B 297 7.24 28.60 21.84
C PHE B 297 7.44 30.01 22.38
N GLU B 298 6.38 30.65 22.83
CA GLU B 298 6.47 32.02 23.36
C GLU B 298 7.43 32.09 24.55
N ALA B 299 7.52 31.00 25.32
CA ALA B 299 8.45 30.91 26.44
C ALA B 299 9.92 30.87 25.99
N LEU B 300 10.17 30.26 24.83
CA LEU B 300 11.50 30.19 24.24
C LEU B 300 11.89 31.51 23.57
N LEU B 301 10.90 32.26 23.11
CA LEU B 301 11.14 33.52 22.44
C LEU B 301 11.48 34.65 23.44
N LYS B 302 11.00 34.51 24.68
CA LYS B 302 11.31 35.49 25.73
C LYS B 302 12.75 35.36 26.24
#